data_2GLU
#
_entry.id   2GLU
#
_cell.length_a   69.899
_cell.length_b   73.639
_cell.length_c   245.742
_cell.angle_alpha   90.00
_cell.angle_beta   90.00
_cell.angle_gamma   90.00
#
_symmetry.space_group_name_H-M   'C 2 2 21'
#
loop_
_entity.id
_entity.type
_entity.pdbx_description
1 polymer ycgJ
2 non-polymer 'SULFATE ION'
3 non-polymer S-ADENOSYLMETHIONINE
4 water water
#
_entity_poly.entity_id   1
_entity_poly.type   'polypeptide(L)'
_entity_poly.pdbx_seq_one_letter_code
;(MSE)AHHHHHHSLGL(MSE)IKTAECRAEHRVLDIGAGAGHTALAFSPYVQECIGVDATKE(MSE)VEVASSFAQEKGV
ENVRFQQGTAESLPFPDDSFDIITCRYAAHHFSDVRKAVREVARVLKQDGRFLLVDHYAPEDPVLDEFVNHLNRLRDPSH
VRESSLSEWQA(MSE)FSANQLAYQDIQKWNLPIQYDSWIKRGGTPADREKQIITHLNHASDEARDTFCITLNQNGQPIS
FCLKAILIQGIKREG
;
_entity_poly.pdbx_strand_id   A,B
#
# COMPACT_ATOMS: atom_id res chain seq x y z
N HIS A 6 9.67 -23.80 7.78
CA HIS A 6 9.88 -22.39 7.33
C HIS A 6 11.34 -22.09 6.89
N HIS A 7 12.09 -23.09 6.41
CA HIS A 7 13.51 -22.89 6.08
C HIS A 7 13.85 -21.92 4.93
N HIS A 8 12.86 -21.56 4.14
CA HIS A 8 13.12 -20.75 2.99
C HIS A 8 13.23 -19.30 3.39
N SER A 9 12.20 -18.78 4.04
CA SER A 9 12.24 -17.42 4.52
C SER A 9 13.55 -17.19 5.23
N LEU A 10 13.90 -18.10 6.12
CA LEU A 10 15.09 -17.96 6.98
C LEU A 10 16.41 -17.98 6.22
N GLY A 11 16.55 -18.89 5.25
CA GLY A 11 17.75 -18.98 4.44
C GLY A 11 17.99 -17.71 3.63
N LEU A 12 16.92 -17.20 3.03
CA LEU A 12 16.95 -15.95 2.26
C LEU A 12 17.52 -14.80 3.05
N ILE A 14 19.62 -14.99 5.40
CA ILE A 14 21.07 -15.18 5.61
C ILE A 14 21.84 -14.84 4.34
N LYS A 15 21.31 -15.31 3.21
CA LYS A 15 21.82 -14.88 1.90
C LYS A 15 21.76 -13.34 1.76
N THR A 16 20.64 -12.71 2.07
CA THR A 16 20.51 -11.29 1.86
C THR A 16 21.21 -10.42 2.88
N ALA A 17 21.49 -10.96 4.06
CA ALA A 17 21.97 -10.11 5.16
C ALA A 17 23.40 -9.68 4.98
N GLU A 18 24.18 -10.48 4.25
CA GLU A 18 25.60 -10.17 3.99
C GLU A 18 26.29 -9.95 5.32
N CYS A 19 26.45 -11.04 6.06
CA CYS A 19 26.99 -10.97 7.42
C CYS A 19 28.48 -10.65 7.49
N ARG A 20 28.92 -10.25 8.68
CA ARG A 20 30.33 -10.03 8.99
C ARG A 20 30.64 -10.52 10.39
N ALA A 21 31.84 -11.06 10.56
CA ALA A 21 32.30 -11.53 11.87
C ALA A 21 31.88 -10.54 12.96
N GLU A 22 32.09 -9.26 12.71
CA GLU A 22 31.94 -8.23 13.75
C GLU A 22 30.53 -7.65 13.98
N HIS A 23 29.50 -8.16 13.32
CA HIS A 23 28.15 -7.59 13.43
C HIS A 23 27.37 -7.94 14.68
N ARG A 24 26.50 -7.03 15.08
CA ARG A 24 25.55 -7.28 16.14
C ARG A 24 24.13 -7.33 15.55
N VAL A 25 23.31 -8.34 15.89
CA VAL A 25 21.98 -8.55 15.26
C VAL A 25 20.82 -8.48 16.24
N LEU A 26 19.73 -7.83 15.86
CA LEU A 26 18.57 -7.76 16.74
C LEU A 26 17.39 -8.38 16.09
N ASP A 27 16.84 -9.46 16.66
CA ASP A 27 15.64 -10.15 16.14
C ASP A 27 14.37 -9.76 16.90
N ILE A 28 13.45 -9.08 16.24
CA ILE A 28 12.25 -8.55 16.89
C ILE A 28 11.03 -9.44 16.69
N GLY A 29 10.31 -9.72 17.78
CA GLY A 29 9.22 -10.68 17.77
C GLY A 29 9.82 -12.06 17.56
N ALA A 30 10.89 -12.34 18.33
CA ALA A 30 11.85 -13.42 18.01
C ALA A 30 11.30 -14.82 18.20
N GLY A 31 10.29 -14.97 19.06
CA GLY A 31 9.57 -16.23 19.24
C GLY A 31 10.37 -17.30 19.95
N ALA A 32 10.17 -18.57 19.57
CA ALA A 32 11.05 -19.64 20.00
C ALA A 32 12.48 -19.40 19.44
N GLY A 33 12.66 -18.27 18.75
CA GLY A 33 13.99 -17.69 18.53
C GLY A 33 14.74 -18.29 17.37
N HIS A 34 14.02 -18.68 16.33
CA HIS A 34 14.62 -19.46 15.28
C HIS A 34 15.51 -18.62 14.39
N THR A 35 15.11 -17.38 14.14
CA THR A 35 15.89 -16.53 13.29
C THR A 35 17.15 -16.22 14.05
N ALA A 36 16.96 -15.88 15.33
CA ALA A 36 18.06 -15.42 16.17
C ALA A 36 19.17 -16.46 16.21
N LEU A 37 18.80 -17.73 16.13
CA LEU A 37 19.80 -18.76 16.20
C LEU A 37 20.44 -18.96 14.85
N ALA A 38 19.65 -18.88 13.80
CA ALA A 38 20.13 -19.14 12.43
C ALA A 38 21.31 -18.25 12.12
N PHE A 39 21.19 -16.99 12.52
CA PHE A 39 22.25 -16.02 12.29
C PHE A 39 23.50 -16.25 13.09
N SER A 40 23.35 -16.90 14.24
CA SER A 40 24.41 -16.87 15.25
C SER A 40 25.82 -17.26 14.74
N PRO A 41 25.93 -18.34 13.93
CA PRO A 41 27.30 -18.71 13.56
C PRO A 41 28.07 -17.62 12.83
N TYR A 42 27.34 -16.67 12.21
CA TYR A 42 27.94 -15.77 11.22
C TYR A 42 28.23 -14.36 11.76
N VAL A 43 27.62 -13.99 12.87
CA VAL A 43 27.73 -12.65 13.43
C VAL A 43 28.25 -12.73 14.86
N GLN A 44 28.60 -11.60 15.45
CA GLN A 44 29.19 -11.59 16.80
C GLN A 44 28.18 -11.98 17.86
N GLU A 45 27.06 -11.26 17.83
CA GLU A 45 26.06 -11.32 18.86
C GLU A 45 24.68 -11.08 18.29
N CYS A 46 23.75 -11.95 18.69
CA CYS A 46 22.33 -11.77 18.44
C CYS A 46 21.64 -11.45 19.75
N ILE A 47 20.79 -10.43 19.70
CA ILE A 47 19.90 -10.15 20.78
C ILE A 47 18.52 -10.32 20.20
N GLY A 48 17.59 -10.81 20.99
CA GLY A 48 16.23 -10.99 20.49
C GLY A 48 15.21 -10.49 21.49
N VAL A 49 14.18 -9.78 21.03
CA VAL A 49 13.10 -9.42 21.93
C VAL A 49 11.81 -10.06 21.47
N ASP A 50 10.99 -10.38 22.48
CA ASP A 50 9.67 -10.88 22.31
C ASP A 50 8.84 -10.33 23.46
N ALA A 51 7.55 -10.19 23.24
CA ALA A 51 6.70 -9.55 24.23
C ALA A 51 6.38 -10.49 25.36
N THR A 52 6.03 -11.72 25.03
CA THR A 52 5.60 -12.70 26.03
C THR A 52 6.84 -13.28 26.78
N LYS A 53 6.81 -13.33 28.11
CA LYS A 53 7.96 -13.85 28.86
C LYS A 53 8.11 -15.35 28.63
N GLU A 54 7.00 -16.03 28.55
CA GLU A 54 6.98 -17.44 28.25
C GLU A 54 7.81 -17.77 27.01
N VAL A 56 10.48 -15.82 25.87
CA VAL A 56 11.85 -15.53 26.15
C VAL A 56 12.54 -16.80 26.65
N GLU A 57 11.83 -17.54 27.51
CA GLU A 57 12.37 -18.72 28.20
C GLU A 57 12.57 -19.89 27.25
N VAL A 58 11.50 -20.20 26.51
CA VAL A 58 11.57 -21.10 25.39
C VAL A 58 12.82 -20.77 24.61
N ALA A 59 12.89 -19.53 24.13
CA ALA A 59 13.97 -19.14 23.25
C ALA A 59 15.31 -19.44 23.89
N SER A 60 15.45 -19.11 25.17
CA SER A 60 16.78 -19.04 25.81
C SER A 60 17.28 -20.40 26.22
N SER A 61 16.35 -21.25 26.65
CA SER A 61 16.64 -22.66 26.91
C SER A 61 16.98 -23.43 25.63
N PHE A 62 16.20 -23.21 24.58
CA PHE A 62 16.41 -23.74 23.25
C PHE A 62 17.82 -23.36 22.74
N ALA A 63 18.20 -22.10 22.93
CA ALA A 63 19.55 -21.65 22.69
C ALA A 63 20.52 -22.60 23.35
N GLN A 64 20.31 -22.78 24.65
CA GLN A 64 21.14 -23.61 25.54
C GLN A 64 21.19 -25.07 25.10
N GLU A 65 20.04 -25.55 24.65
CA GLU A 65 19.87 -26.90 24.17
C GLU A 65 20.72 -27.12 22.92
N LYS A 66 20.83 -26.10 22.06
CA LYS A 66 21.71 -26.11 20.88
C LYS A 66 23.08 -25.52 21.22
N GLY A 67 23.39 -25.46 22.51
CA GLY A 67 24.57 -24.76 23.03
C GLY A 67 25.24 -23.73 22.12
N VAL A 68 24.57 -22.57 21.97
CA VAL A 68 25.18 -21.41 21.33
C VAL A 68 25.37 -20.38 22.44
N GLU A 69 26.57 -19.82 22.49
CA GLU A 69 26.94 -18.82 23.52
C GLU A 69 26.45 -17.40 23.16
N ASN A 70 26.49 -17.06 21.88
CA ASN A 70 26.36 -15.66 21.43
C ASN A 70 24.95 -15.12 21.14
N VAL A 71 23.90 -15.87 21.37
CA VAL A 71 22.57 -15.32 21.20
C VAL A 71 22.00 -15.20 22.57
N ARG A 72 21.22 -14.14 22.84
CA ARG A 72 20.46 -14.05 24.11
C ARG A 72 19.14 -13.38 23.91
N PHE A 73 18.10 -13.90 24.57
CA PHE A 73 16.74 -13.37 24.45
C PHE A 73 16.35 -12.51 25.63
N GLN A 74 15.30 -11.73 25.45
CA GLN A 74 14.84 -10.85 26.47
C GLN A 74 13.46 -10.37 26.13
N GLN A 75 12.76 -9.81 27.11
CA GLN A 75 11.37 -9.45 26.92
C GLN A 75 11.34 -8.02 26.53
N GLY A 76 10.47 -7.67 25.58
CA GLY A 76 10.11 -6.30 25.30
C GLY A 76 9.20 -6.26 24.11
N THR A 77 8.79 -5.06 23.70
CA THR A 77 7.93 -4.84 22.53
C THR A 77 8.66 -4.02 21.44
N ALA A 78 8.22 -4.18 20.18
CA ALA A 78 8.85 -3.49 19.04
C ALA A 78 8.53 -2.00 19.05
N GLU A 79 7.37 -1.63 19.59
CA GLU A 79 6.96 -0.21 19.64
C GLU A 79 7.77 0.59 20.63
N SER A 80 8.59 -0.09 21.44
CA SER A 80 9.42 0.57 22.46
C SER A 80 10.69 -0.20 22.82
N LEU A 81 11.65 -0.23 21.90
CA LEU A 81 12.85 -1.04 22.10
C LEU A 81 13.74 -0.34 23.10
N PRO A 82 14.35 -1.09 24.03
CA PRO A 82 15.20 -0.49 25.01
C PRO A 82 16.42 0.13 24.42
N PHE A 83 16.89 -0.39 23.30
CA PHE A 83 18.27 -0.20 22.91
C PHE A 83 18.53 1.21 22.45
N PRO A 84 19.80 1.63 22.40
CA PRO A 84 20.19 2.95 21.94
C PRO A 84 20.11 3.10 20.44
N ASP A 85 20.15 4.36 19.99
CA ASP A 85 20.10 4.72 18.58
C ASP A 85 21.30 4.15 17.88
N ASP A 86 21.19 3.83 16.60
CA ASP A 86 22.36 3.49 15.82
C ASP A 86 23.21 2.44 16.52
N SER A 87 22.58 1.35 16.92
CA SER A 87 23.31 0.27 17.59
C SER A 87 23.05 -1.17 17.08
N PHE A 88 22.66 -1.35 15.83
CA PHE A 88 22.68 -2.69 15.20
C PHE A 88 23.03 -2.63 13.69
N ASP A 89 23.80 -3.62 13.25
CA ASP A 89 24.14 -3.71 11.84
C ASP A 89 22.99 -4.38 11.07
N ILE A 90 22.24 -5.25 11.74
CA ILE A 90 21.18 -6.01 11.08
C ILE A 90 20.01 -6.11 12.04
N ILE A 91 18.80 -6.00 11.52
CA ILE A 91 17.62 -6.32 12.31
C ILE A 91 16.75 -7.28 11.54
N THR A 92 16.39 -8.37 12.18
CA THR A 92 15.50 -9.31 11.56
C THR A 92 14.11 -9.19 12.21
N CYS A 93 13.07 -9.27 11.39
CA CYS A 93 11.71 -9.38 11.86
C CYS A 93 10.93 -10.35 10.96
N ARG A 94 10.49 -11.48 11.50
CA ARG A 94 9.96 -12.57 10.70
C ARG A 94 8.55 -13.08 11.12
N TYR A 95 7.59 -12.97 10.23
CA TYR A 95 6.21 -13.37 10.55
C TYR A 95 5.74 -12.91 11.94
N ALA A 96 6.17 -11.72 12.34
CA ALA A 96 5.85 -11.18 13.64
C ALA A 96 5.09 -9.87 13.55
N ALA A 97 5.35 -9.10 12.50
CA ALA A 97 4.75 -7.77 12.34
C ALA A 97 3.22 -7.72 12.32
N HIS A 98 2.56 -8.77 11.81
CA HIS A 98 1.11 -8.74 11.77
C HIS A 98 0.50 -8.87 13.15
N HIS A 99 1.38 -9.07 14.12
CA HIS A 99 1.03 -9.11 15.53
C HIS A 99 1.28 -7.84 16.31
N PHE A 100 2.06 -6.92 15.76
CA PHE A 100 2.39 -5.73 16.50
C PHE A 100 1.13 -4.91 16.62
N SER A 101 0.97 -4.20 17.73
CA SER A 101 -0.22 -3.39 17.93
C SER A 101 -0.06 -1.97 17.30
N ASP A 102 1.18 -1.62 16.94
CA ASP A 102 1.43 -0.33 16.28
C ASP A 102 2.67 -0.42 15.38
N VAL A 103 2.42 -0.92 14.17
CA VAL A 103 3.47 -1.30 13.23
C VAL A 103 4.20 -0.03 12.79
N ARG A 104 3.43 1.07 12.67
CA ARG A 104 3.99 2.39 12.41
C ARG A 104 5.14 2.69 13.37
N LYS A 105 4.88 2.66 14.67
CA LYS A 105 5.93 2.94 15.65
C LYS A 105 7.11 1.97 15.52
N ALA A 106 6.81 0.68 15.43
CA ALA A 106 7.85 -0.36 15.35
C ALA A 106 8.89 -0.01 14.27
N VAL A 107 8.40 0.45 13.12
CA VAL A 107 9.30 0.75 12.02
C VAL A 107 10.16 1.91 12.46
N ARG A 108 9.53 2.85 13.14
CA ARG A 108 10.23 4.04 13.60
C ARG A 108 11.34 3.64 14.54
N GLU A 109 11.04 2.70 15.41
CA GLU A 109 12.04 2.21 16.33
C GLU A 109 13.13 1.43 15.58
N VAL A 110 12.72 0.58 14.65
CA VAL A 110 13.69 -0.16 13.87
C VAL A 110 14.67 0.84 13.30
N ALA A 111 14.10 1.89 12.70
CA ALA A 111 14.86 2.99 12.11
C ALA A 111 15.83 3.51 13.13
N ARG A 112 15.34 3.89 14.29
CA ARG A 112 16.20 4.51 15.28
C ARG A 112 17.44 3.67 15.61
N VAL A 113 17.17 2.43 16.01
CA VAL A 113 18.18 1.61 16.66
C VAL A 113 19.10 0.96 15.62
N LEU A 114 18.70 0.98 14.34
CA LEU A 114 19.54 0.50 13.25
C LEU A 114 20.65 1.53 12.97
N LYS A 115 21.87 1.06 12.70
CA LYS A 115 22.97 1.96 12.32
C LYS A 115 22.74 2.48 10.89
N GLN A 116 23.53 3.47 10.49
CA GLN A 116 23.52 3.96 9.11
C GLN A 116 23.99 2.89 8.17
N ASP A 117 23.30 2.76 7.04
CA ASP A 117 23.54 1.70 6.04
C ASP A 117 23.40 0.29 6.64
N GLY A 118 22.82 0.23 7.83
CA GLY A 118 22.47 -1.03 8.45
C GLY A 118 21.25 -1.51 7.71
N ARG A 119 21.00 -2.83 7.80
CA ARG A 119 19.97 -3.50 7.02
C ARG A 119 18.81 -4.03 7.87
N PHE A 120 17.59 -3.91 7.37
CA PHE A 120 16.40 -4.38 8.08
C PHE A 120 15.77 -5.49 7.27
N LEU A 121 15.88 -6.75 7.69
CA LEU A 121 15.33 -7.85 6.90
C LEU A 121 14.00 -8.19 7.49
N LEU A 122 12.92 -7.78 6.80
CA LEU A 122 11.53 -7.95 7.27
C LEU A 122 10.81 -8.99 6.43
N VAL A 123 10.49 -10.13 7.02
CA VAL A 123 9.70 -11.15 6.33
C VAL A 123 8.31 -11.18 6.93
N ASP A 124 7.31 -11.21 6.08
CA ASP A 124 5.97 -11.45 6.56
C ASP A 124 5.06 -11.77 5.36
N HIS A 125 3.83 -12.22 5.64
CA HIS A 125 2.80 -12.24 4.62
C HIS A 125 2.08 -10.90 4.61
N TYR A 126 1.38 -10.59 3.54
CA TYR A 126 0.88 -9.24 3.34
C TYR A 126 -0.43 -9.25 2.60
N ALA A 127 -1.27 -8.25 2.90
CA ALA A 127 -2.50 -8.01 2.18
C ALA A 127 -2.20 -7.56 0.75
N PRO A 128 -3.02 -8.01 -0.21
CA PRO A 128 -2.95 -7.44 -1.55
C PRO A 128 -3.45 -5.99 -1.55
N GLU A 129 -3.17 -5.27 -2.63
CA GLU A 129 -3.52 -3.87 -2.69
C GLU A 129 -5.02 -3.62 -2.67
N ASP A 130 -5.76 -4.53 -3.29
CA ASP A 130 -7.20 -4.45 -3.33
C ASP A 130 -7.77 -4.57 -1.91
N PRO A 131 -8.43 -3.52 -1.41
CA PRO A 131 -9.02 -3.61 -0.08
C PRO A 131 -9.96 -4.78 0.16
N VAL A 132 -10.64 -5.30 -0.86
CA VAL A 132 -11.60 -6.34 -0.58
C VAL A 132 -10.81 -7.60 -0.35
N LEU A 133 -9.83 -7.86 -1.21
CA LEU A 133 -8.93 -8.97 -0.99
C LEU A 133 -8.24 -8.72 0.32
N ASP A 134 -7.95 -7.47 0.63
CA ASP A 134 -7.26 -7.14 1.87
C ASP A 134 -8.02 -7.73 3.06
N GLU A 135 -9.27 -7.30 3.22
CA GLU A 135 -10.11 -7.76 4.33
C GLU A 135 -10.11 -9.26 4.38
N PHE A 136 -10.22 -9.87 3.21
CA PHE A 136 -10.36 -11.29 3.15
C PHE A 136 -9.25 -11.96 3.90
N VAL A 137 -8.01 -11.66 3.54
CA VAL A 137 -6.90 -12.40 4.10
C VAL A 137 -6.70 -12.02 5.54
N ASN A 138 -7.03 -10.78 5.88
CA ASN A 138 -6.89 -10.34 7.26
C ASN A 138 -7.95 -11.00 8.15
N HIS A 139 -9.19 -11.03 7.69
CA HIS A 139 -10.25 -11.67 8.44
C HIS A 139 -10.02 -13.20 8.58
N LEU A 140 -9.41 -13.84 7.59
CA LEU A 140 -9.12 -15.29 7.68
C LEU A 140 -8.12 -15.58 8.81
N ASN A 141 -7.20 -14.65 9.03
CA ASN A 141 -6.21 -14.80 10.08
C ASN A 141 -6.63 -14.33 11.49
N ARG A 142 -7.42 -13.27 11.62
CA ARG A 142 -7.92 -12.93 12.96
C ARG A 142 -8.80 -14.06 13.42
N LEU A 143 -9.53 -14.69 12.50
CA LEU A 143 -10.35 -15.85 12.84
C LEU A 143 -9.48 -17.01 13.35
N ARG A 144 -8.45 -17.37 12.59
CA ARG A 144 -7.58 -18.44 13.03
C ARG A 144 -6.87 -18.06 14.33
N ASP A 145 -6.15 -16.93 14.31
CA ASP A 145 -5.34 -16.47 15.45
C ASP A 145 -5.85 -15.14 16.02
N PRO A 146 -6.64 -15.17 17.12
CA PRO A 146 -7.18 -13.95 17.72
C PRO A 146 -6.13 -12.91 18.08
N SER A 147 -4.86 -13.29 18.05
CA SER A 147 -3.78 -12.35 18.30
C SER A 147 -3.33 -11.64 17.03
N HIS A 148 -4.01 -11.83 15.91
CA HIS A 148 -3.54 -11.27 14.64
C HIS A 148 -4.00 -9.84 14.49
N VAL A 149 -3.09 -8.87 14.43
CA VAL A 149 -3.53 -7.48 14.43
C VAL A 149 -3.92 -7.06 13.04
N ARG A 150 -2.92 -7.09 12.14
CA ARG A 150 -3.06 -6.62 10.77
C ARG A 150 -1.86 -7.02 9.94
N GLU A 151 -2.11 -7.49 8.74
CA GLU A 151 -1.03 -7.65 7.77
C GLU A 151 -1.15 -6.48 6.80
N SER A 152 -0.28 -5.48 6.99
CA SER A 152 -0.27 -4.30 6.12
C SER A 152 0.12 -4.66 4.68
N SER A 153 -0.27 -3.79 3.75
CA SER A 153 -0.03 -3.94 2.31
C SER A 153 1.35 -3.44 1.89
N LEU A 154 1.75 -3.75 0.64
CA LEU A 154 3.10 -3.41 0.19
C LEU A 154 3.21 -1.90 -0.01
N SER A 155 2.16 -1.26 -0.51
CA SER A 155 2.15 0.21 -0.53
C SER A 155 2.39 0.72 0.90
N GLU A 156 1.64 0.20 1.85
CA GLU A 156 1.85 0.58 3.24
C GLU A 156 3.29 0.38 3.74
N TRP A 157 3.94 -0.70 3.37
CA TRP A 157 5.30 -0.92 3.86
C TRP A 157 6.25 0.09 3.26
N GLN A 158 6.09 0.33 1.98
CA GLN A 158 6.89 1.32 1.31
C GLN A 158 6.68 2.71 1.89
N ALA A 159 5.43 3.11 2.14
CA ALA A 159 5.16 4.41 2.72
C ALA A 159 5.81 4.53 4.12
N PHE A 161 8.49 2.78 5.19
CA PHE A 161 9.90 2.82 5.00
C PHE A 161 10.27 4.24 4.60
N SER A 162 9.61 4.80 3.60
CA SER A 162 10.05 6.09 3.10
C SER A 162 9.89 7.13 4.16
N ALA A 163 8.86 6.95 4.99
CA ALA A 163 8.58 7.83 6.10
C ALA A 163 9.68 7.76 7.18
N ASN A 164 10.52 6.75 7.13
CA ASN A 164 11.59 6.59 8.14
C ASN A 164 13.00 6.48 7.56
N GLN A 165 13.25 7.17 6.45
CA GLN A 165 14.56 7.19 5.81
C GLN A 165 15.09 5.78 5.60
N LEU A 166 14.20 4.94 5.10
CA LEU A 166 14.50 3.56 4.84
C LEU A 166 14.21 3.27 3.39
N ALA A 167 15.26 2.70 2.78
CA ALA A 167 15.36 2.44 1.37
C ALA A 167 14.85 1.00 1.17
N TYR A 168 13.68 0.93 0.52
CA TYR A 168 12.88 -0.27 0.43
C TYR A 168 13.26 -1.01 -0.79
N GLN A 169 13.40 -2.30 -0.65
CA GLN A 169 13.74 -3.21 -1.73
C GLN A 169 12.97 -4.49 -1.44
N ASP A 170 12.22 -4.96 -2.43
CA ASP A 170 11.56 -6.23 -2.35
C ASP A 170 12.52 -7.28 -2.91
N ILE A 171 13.15 -8.03 -2.02
CA ILE A 171 14.12 -9.03 -2.39
C ILE A 171 13.45 -10.18 -3.15
N GLN A 172 12.36 -10.72 -2.62
CA GLN A 172 11.60 -11.71 -3.37
C GLN A 172 10.26 -12.02 -2.75
N LYS A 173 9.22 -12.05 -3.58
CA LYS A 173 7.86 -12.52 -3.18
C LYS A 173 7.76 -14.05 -3.31
N TRP A 174 6.60 -14.61 -2.98
CA TRP A 174 6.36 -16.05 -3.12
C TRP A 174 5.12 -16.45 -2.36
N ASN A 175 4.38 -17.36 -2.95
CA ASN A 175 3.16 -17.85 -2.32
C ASN A 175 3.49 -18.81 -1.18
N LEU A 176 2.77 -18.67 -0.08
CA LEU A 176 2.99 -19.47 1.13
C LEU A 176 1.87 -20.49 1.18
N PRO A 177 2.18 -21.74 0.88
CA PRO A 177 1.13 -22.73 0.90
C PRO A 177 0.77 -22.99 2.32
N ILE A 178 -0.50 -23.22 2.55
CA ILE A 178 -0.95 -23.56 3.86
C ILE A 178 -1.78 -24.83 3.62
N GLN A 179 -1.60 -25.84 4.47
CA GLN A 179 -2.45 -27.01 4.40
C GLN A 179 -3.49 -26.82 5.47
N TYR A 180 -4.68 -26.40 5.03
CA TYR A 180 -5.75 -25.98 5.89
C TYR A 180 -5.87 -26.79 7.18
N ASP A 181 -5.88 -28.09 7.02
CA ASP A 181 -6.13 -28.99 8.13
C ASP A 181 -5.15 -28.83 9.25
N SER A 182 -3.89 -28.71 8.88
CA SER A 182 -2.85 -28.62 9.86
C SER A 182 -2.77 -27.21 10.44
N TRP A 183 -2.80 -26.23 9.56
CA TRP A 183 -2.96 -24.84 9.95
C TRP A 183 -3.98 -24.68 11.09
N ILE A 184 -5.14 -25.34 10.98
CA ILE A 184 -6.14 -25.32 12.06
C ILE A 184 -5.62 -25.90 13.38
N LYS A 185 -5.16 -27.16 13.35
CA LYS A 185 -4.48 -27.78 14.49
C LYS A 185 -3.49 -26.83 15.18
N ARG A 186 -2.46 -26.42 14.43
CA ARG A 186 -1.37 -25.63 14.98
C ARG A 186 -1.95 -24.40 15.67
N GLY A 187 -3.00 -23.82 15.08
CA GLY A 187 -3.64 -22.60 15.59
C GLY A 187 -4.61 -22.77 16.76
N GLY A 188 -5.00 -24.01 17.05
CA GLY A 188 -5.81 -24.34 18.23
C GLY A 188 -7.28 -23.94 18.19
N THR A 189 -7.71 -23.39 17.06
CA THR A 189 -9.02 -22.76 16.93
C THR A 189 -10.15 -23.68 17.40
N PRO A 190 -11.22 -23.11 17.96
CA PRO A 190 -12.46 -23.88 18.22
C PRO A 190 -13.26 -24.19 16.95
N ALA A 191 -14.10 -25.22 17.01
CA ALA A 191 -14.96 -25.56 15.87
C ALA A 191 -16.02 -24.50 15.59
N ASP A 192 -16.33 -23.62 16.55
CA ASP A 192 -17.13 -22.45 16.20
C ASP A 192 -16.37 -21.64 15.15
N ARG A 193 -15.23 -21.07 15.52
CA ARG A 193 -14.50 -20.22 14.59
C ARG A 193 -14.25 -20.99 13.30
N GLU A 194 -13.79 -22.23 13.42
CA GLU A 194 -13.52 -23.02 12.24
C GLU A 194 -14.70 -23.00 11.26
N LYS A 195 -15.93 -23.07 11.75
CA LYS A 195 -17.05 -23.01 10.83
C LYS A 195 -17.06 -21.68 10.11
N GLN A 196 -16.61 -20.61 10.77
CA GLN A 196 -16.57 -19.28 10.16
C GLN A 196 -15.44 -19.16 9.13
N ILE A 197 -14.26 -19.63 9.50
CA ILE A 197 -13.21 -19.87 8.52
C ILE A 197 -13.75 -20.58 7.25
N ILE A 198 -14.46 -21.70 7.42
CA ILE A 198 -14.89 -22.55 6.31
C ILE A 198 -15.92 -21.88 5.41
N THR A 199 -16.86 -21.15 6.02
CA THR A 199 -17.84 -20.32 5.29
C THR A 199 -17.08 -19.28 4.52
N HIS A 200 -16.11 -18.68 5.21
CA HIS A 200 -15.31 -17.64 4.64
C HIS A 200 -14.67 -18.12 3.36
N LEU A 201 -13.94 -19.23 3.42
CA LEU A 201 -13.29 -19.81 2.24
C LEU A 201 -14.28 -20.29 1.16
N ASN A 202 -15.47 -20.78 1.57
CA ASN A 202 -16.49 -21.22 0.61
C ASN A 202 -17.23 -20.12 -0.14
N HIS A 203 -17.24 -18.93 0.43
CA HIS A 203 -17.88 -17.81 -0.24
C HIS A 203 -16.87 -16.83 -0.80
N ALA A 204 -15.62 -17.25 -0.94
CA ALA A 204 -14.59 -16.43 -1.56
C ALA A 204 -15.08 -15.86 -2.91
N SER A 205 -14.80 -14.57 -3.17
CA SER A 205 -15.04 -14.03 -4.49
C SER A 205 -14.15 -14.84 -5.38
N ASP A 206 -14.41 -14.73 -6.67
CA ASP A 206 -13.58 -15.39 -7.66
C ASP A 206 -12.16 -14.88 -7.53
N GLU A 207 -12.05 -13.56 -7.50
CA GLU A 207 -10.76 -12.86 -7.37
C GLU A 207 -10.02 -13.40 -6.15
N ALA A 208 -10.78 -13.74 -5.10
CA ALA A 208 -10.23 -14.17 -3.80
C ALA A 208 -9.72 -15.59 -3.86
N ARG A 209 -10.57 -16.49 -4.34
CA ARG A 209 -10.12 -17.86 -4.47
C ARG A 209 -9.03 -17.98 -5.55
N ASP A 210 -8.90 -16.96 -6.39
CA ASP A 210 -7.77 -16.89 -7.33
C ASP A 210 -6.50 -16.45 -6.59
N THR A 211 -6.55 -15.30 -5.94
CA THR A 211 -5.37 -14.72 -5.32
C THR A 211 -4.82 -15.57 -4.19
N PHE A 212 -5.66 -16.37 -3.54
CA PHE A 212 -5.23 -17.18 -2.37
C PHE A 212 -5.37 -18.67 -2.59
N CYS A 213 -5.40 -19.10 -3.84
CA CYS A 213 -5.30 -20.54 -4.16
C CYS A 213 -6.20 -21.46 -3.36
N ILE A 214 -7.41 -20.98 -3.06
CA ILE A 214 -8.33 -21.81 -2.35
C ILE A 214 -8.56 -23.10 -3.16
N THR A 215 -8.23 -24.23 -2.53
CA THR A 215 -8.51 -25.57 -3.03
C THR A 215 -9.39 -26.25 -1.97
N LEU A 216 -10.57 -26.75 -2.35
CA LEU A 216 -11.59 -27.27 -1.40
C LEU A 216 -12.02 -28.70 -1.76
N ASN A 217 -12.44 -29.49 -0.77
CA ASN A 217 -13.02 -30.82 -1.00
C ASN A 217 -14.39 -30.53 -1.49
N GLN A 218 -14.97 -31.42 -2.30
CA GLN A 218 -16.31 -31.16 -2.85
C GLN A 218 -17.41 -30.93 -1.83
N ASN A 219 -17.21 -31.36 -0.59
CA ASN A 219 -18.20 -31.12 0.47
C ASN A 219 -18.12 -29.72 1.10
N GLY A 220 -17.25 -28.87 0.57
CA GLY A 220 -17.09 -27.53 1.10
C GLY A 220 -15.91 -27.48 2.06
N GLN A 221 -15.41 -28.66 2.41
CA GLN A 221 -14.30 -28.83 3.35
C GLN A 221 -12.98 -28.32 2.77
N PRO A 222 -12.29 -27.39 3.44
CA PRO A 222 -11.11 -26.85 2.75
C PRO A 222 -9.92 -27.79 2.79
N ILE A 223 -9.28 -28.00 1.64
CA ILE A 223 -7.96 -28.64 1.60
C ILE A 223 -6.89 -27.62 1.94
N SER A 224 -6.80 -26.55 1.15
CA SER A 224 -5.61 -25.67 1.17
C SER A 224 -5.78 -24.26 0.57
N PHE A 225 -4.85 -23.37 0.92
CA PHE A 225 -4.76 -22.02 0.35
C PHE A 225 -3.34 -21.46 0.44
N CYS A 226 -3.18 -20.19 0.10
CA CYS A 226 -1.86 -19.53 0.07
C CYS A 226 -1.85 -18.18 0.69
N LEU A 227 -0.83 -17.88 1.45
CA LEU A 227 -0.64 -16.52 1.86
C LEU A 227 0.40 -15.93 0.91
N LYS A 228 0.50 -14.61 0.92
CA LYS A 228 1.47 -13.92 0.08
C LYS A 228 2.67 -13.53 0.94
N ALA A 229 3.76 -14.27 0.81
CA ALA A 229 4.94 -14.00 1.60
C ALA A 229 5.80 -13.09 0.78
N ILE A 230 6.76 -12.47 1.45
CA ILE A 230 7.72 -11.56 0.82
C ILE A 230 8.93 -11.40 1.69
N LEU A 231 10.00 -10.88 1.15
CA LEU A 231 11.11 -10.48 1.99
C LEU A 231 11.52 -9.11 1.54
N ILE A 232 11.11 -8.10 2.30
CA ILE A 232 11.54 -6.74 2.06
C ILE A 232 12.84 -6.59 2.79
N GLN A 233 13.75 -5.86 2.16
CA GLN A 233 14.94 -5.40 2.84
C GLN A 233 14.97 -3.89 2.82
N GLY A 234 15.31 -3.31 3.95
CA GLY A 234 15.39 -1.88 4.09
C GLY A 234 16.77 -1.43 4.55
N ILE A 235 17.21 -0.29 4.06
CA ILE A 235 18.56 0.18 4.36
C ILE A 235 18.50 1.64 4.82
N LYS A 236 19.07 1.91 5.99
CA LYS A 236 18.96 3.19 6.61
C LYS A 236 19.87 4.18 5.91
N ARG A 237 19.25 5.07 5.15
CA ARG A 237 19.91 6.19 4.51
C ARG A 237 19.52 7.46 5.28
N GLU A 238 19.17 8.53 4.56
CA GLU A 238 19.04 9.84 5.18
C GLU A 238 17.86 10.70 4.66
N GLY A 239 17.60 11.78 5.39
CA GLY A 239 16.43 12.62 5.18
C GLY A 239 16.85 14.02 5.52
N HIS B 6 -1.02 0.26 -9.40
CA HIS B 6 -1.98 1.22 -8.74
C HIS B 6 -3.33 0.56 -8.24
N HIS B 7 -3.32 -0.72 -7.87
CA HIS B 7 -4.58 -1.51 -7.62
C HIS B 7 -5.48 -1.04 -6.47
N HIS B 8 -4.88 -0.39 -5.48
CA HIS B 8 -5.60 -0.04 -4.26
C HIS B 8 -6.81 0.87 -4.50
N SER B 9 -6.59 1.91 -5.30
CA SER B 9 -7.56 2.97 -5.53
C SER B 9 -8.71 2.47 -6.40
N LEU B 10 -8.38 1.51 -7.27
CA LEU B 10 -9.36 0.84 -8.10
C LEU B 10 -10.30 0.04 -7.23
N GLY B 11 -9.70 -0.82 -6.42
CA GLY B 11 -10.47 -1.64 -5.50
C GLY B 11 -11.33 -0.81 -4.55
N LEU B 12 -10.81 0.34 -4.16
CA LEU B 12 -11.52 1.26 -3.26
C LEU B 12 -12.69 1.91 -3.93
N ILE B 14 -14.26 0.75 -6.68
CA ILE B 14 -15.16 -0.36 -6.96
C ILE B 14 -15.95 -0.73 -5.69
N LYS B 15 -15.28 -0.75 -4.54
CA LYS B 15 -15.91 -1.07 -3.27
C LYS B 15 -16.93 -0.01 -2.87
N THR B 16 -16.46 1.22 -2.77
CA THR B 16 -17.29 2.32 -2.36
C THR B 16 -18.42 2.45 -3.32
N ALA B 17 -18.15 2.13 -4.58
CA ALA B 17 -19.08 2.39 -5.67
C ALA B 17 -20.39 1.69 -5.39
N GLU B 18 -20.29 0.46 -4.88
CA GLU B 18 -21.46 -0.34 -4.53
C GLU B 18 -22.33 -0.45 -5.77
N CYS B 19 -21.82 -1.19 -6.75
CA CYS B 19 -22.42 -1.20 -8.09
C CYS B 19 -23.81 -1.84 -8.17
N ARG B 20 -24.43 -1.69 -9.35
CA ARG B 20 -25.65 -2.38 -9.74
C ARG B 20 -25.51 -2.59 -11.26
N ALA B 21 -25.98 -3.70 -11.82
CA ALA B 21 -25.85 -3.90 -13.29
C ALA B 21 -26.56 -2.79 -14.09
N GLU B 22 -27.68 -2.28 -13.55
CA GLU B 22 -28.43 -1.14 -14.11
C GLU B 22 -27.57 0.11 -14.36
N HIS B 23 -26.54 0.31 -13.55
CA HIS B 23 -25.79 1.58 -13.55
C HIS B 23 -24.94 1.90 -14.78
N ARG B 24 -24.78 3.20 -15.04
CA ARG B 24 -23.96 3.68 -16.15
C ARG B 24 -22.83 4.55 -15.54
N VAL B 25 -21.56 4.17 -15.72
CA VAL B 25 -20.45 4.99 -15.18
C VAL B 25 -19.77 5.81 -16.24
N LEU B 26 -19.34 7.01 -15.85
CA LEU B 26 -18.61 7.92 -16.73
C LEU B 26 -17.26 8.17 -16.12
N ASP B 27 -16.19 7.91 -16.86
CA ASP B 27 -14.83 8.12 -16.35
C ASP B 27 -14.12 9.33 -16.99
N ILE B 28 -13.79 10.32 -16.15
CA ILE B 28 -13.14 11.57 -16.60
C ILE B 28 -11.64 11.59 -16.44
N GLY B 29 -10.97 11.85 -17.55
CA GLY B 29 -9.53 11.67 -17.64
C GLY B 29 -9.20 10.21 -17.83
N ALA B 30 -10.01 9.50 -18.62
CA ALA B 30 -9.89 8.05 -18.70
C ALA B 30 -8.44 7.56 -18.90
N GLY B 31 -7.59 8.37 -19.52
CA GLY B 31 -6.26 7.93 -19.83
C GLY B 31 -6.25 6.63 -20.62
N ALA B 32 -5.39 5.69 -20.24
CA ALA B 32 -5.28 4.41 -20.91
C ALA B 32 -6.43 3.47 -20.50
N GLY B 33 -7.39 3.99 -19.73
CA GLY B 33 -8.71 3.35 -19.59
C GLY B 33 -8.94 2.50 -18.36
N HIS B 34 -8.04 2.59 -17.39
CA HIS B 34 -8.00 1.59 -16.33
C HIS B 34 -9.19 1.58 -15.38
N THR B 35 -9.67 2.76 -14.99
CA THR B 35 -10.82 2.87 -14.09
C THR B 35 -12.04 2.33 -14.79
N ALA B 36 -12.29 2.80 -15.99
CA ALA B 36 -13.45 2.30 -16.73
C ALA B 36 -13.37 0.77 -16.84
N LEU B 37 -12.21 0.27 -17.25
CA LEU B 37 -12.04 -1.15 -17.35
C LEU B 37 -12.39 -1.80 -16.02
N ALA B 38 -11.90 -1.27 -14.90
CA ALA B 38 -12.13 -1.88 -13.59
C ALA B 38 -13.58 -2.12 -13.33
N PHE B 39 -14.38 -1.11 -13.66
CA PHE B 39 -15.82 -1.09 -13.40
C PHE B 39 -16.63 -1.90 -14.40
N SER B 40 -16.06 -2.19 -15.55
CA SER B 40 -16.76 -2.86 -16.63
C SER B 40 -17.69 -4.03 -16.20
N PRO B 41 -17.14 -5.02 -15.46
CA PRO B 41 -17.92 -6.24 -15.23
C PRO B 41 -19.11 -6.03 -14.32
N TYR B 42 -19.15 -4.87 -13.63
CA TYR B 42 -20.14 -4.58 -12.58
C TYR B 42 -21.32 -3.72 -13.03
N VAL B 43 -21.21 -3.13 -14.21
CA VAL B 43 -22.18 -2.14 -14.64
C VAL B 43 -22.58 -2.38 -16.11
N GLN B 44 -23.51 -1.56 -16.59
CA GLN B 44 -24.10 -1.73 -17.93
C GLN B 44 -23.13 -1.22 -18.98
N GLU B 45 -22.60 -0.04 -18.72
CA GLU B 45 -21.89 0.72 -19.71
C GLU B 45 -20.77 1.47 -18.99
N CYS B 46 -19.69 1.74 -19.68
CA CYS B 46 -18.74 2.75 -19.22
C CYS B 46 -18.32 3.65 -20.36
N ILE B 47 -18.36 4.95 -20.10
CA ILE B 47 -17.86 5.91 -21.07
C ILE B 47 -16.70 6.64 -20.44
N GLY B 48 -15.65 6.82 -21.22
CA GLY B 48 -14.49 7.50 -20.73
C GLY B 48 -14.10 8.63 -21.64
N VAL B 49 -14.17 9.86 -21.12
CA VAL B 49 -13.71 11.01 -21.89
C VAL B 49 -12.29 11.30 -21.46
N ASP B 50 -11.45 11.58 -22.45
CA ASP B 50 -10.13 12.10 -22.25
C ASP B 50 -9.85 13.26 -23.22
N ALA B 51 -8.99 14.17 -22.80
CA ALA B 51 -8.74 15.35 -23.59
C ALA B 51 -7.92 15.06 -24.84
N THR B 52 -7.03 14.08 -24.80
CA THR B 52 -6.10 13.90 -25.90
C THR B 52 -6.58 12.76 -26.77
N LYS B 53 -6.86 13.03 -28.05
CA LYS B 53 -7.32 12.01 -29.00
C LYS B 53 -6.38 10.78 -28.93
N GLU B 54 -5.11 11.08 -29.10
CA GLU B 54 -4.00 10.19 -28.80
C GLU B 54 -4.30 9.12 -27.74
N VAL B 56 -7.50 8.43 -26.26
CA VAL B 56 -8.76 7.79 -26.64
C VAL B 56 -8.50 6.57 -27.54
N GLU B 57 -7.47 6.62 -28.40
CA GLU B 57 -7.14 5.44 -29.20
C GLU B 57 -6.46 4.40 -28.32
N VAL B 58 -5.49 4.81 -27.52
CA VAL B 58 -4.82 3.83 -26.67
C VAL B 58 -5.89 3.05 -25.93
N ALA B 59 -6.74 3.75 -25.21
CA ALA B 59 -7.73 3.11 -24.36
C ALA B 59 -8.67 2.25 -25.17
N SER B 60 -8.99 2.68 -26.38
CA SER B 60 -9.92 1.91 -27.18
C SER B 60 -9.29 0.61 -27.63
N SER B 61 -8.04 0.67 -28.11
CA SER B 61 -7.32 -0.53 -28.51
C SER B 61 -7.06 -1.49 -27.31
N PHE B 62 -6.72 -0.91 -26.16
CA PHE B 62 -6.60 -1.64 -24.88
C PHE B 62 -7.86 -2.43 -24.51
N ALA B 63 -9.03 -1.79 -24.68
CA ALA B 63 -10.34 -2.44 -24.48
C ALA B 63 -10.55 -3.62 -25.42
N GLN B 64 -10.23 -3.43 -26.69
CA GLN B 64 -10.36 -4.47 -27.72
C GLN B 64 -9.61 -5.69 -27.26
N GLU B 65 -8.36 -5.48 -26.86
CA GLU B 65 -7.48 -6.59 -26.47
C GLU B 65 -7.99 -7.20 -25.15
N LYS B 66 -8.40 -6.37 -24.17
CA LYS B 66 -9.03 -6.93 -22.96
C LYS B 66 -10.47 -7.47 -23.16
N GLY B 67 -10.97 -7.45 -24.41
CA GLY B 67 -12.21 -8.15 -24.78
C GLY B 67 -13.58 -7.60 -24.35
N VAL B 68 -13.60 -6.53 -23.56
CA VAL B 68 -14.85 -6.02 -22.99
C VAL B 68 -15.65 -5.23 -24.01
N GLU B 69 -16.92 -5.54 -24.11
CA GLU B 69 -17.75 -4.97 -25.14
C GLU B 69 -18.82 -4.01 -24.56
N ASN B 70 -18.54 -3.42 -23.41
CA ASN B 70 -19.50 -2.49 -22.76
C ASN B 70 -18.84 -1.24 -22.21
N VAL B 71 -17.68 -0.89 -22.78
CA VAL B 71 -16.93 0.30 -22.37
C VAL B 71 -16.39 1.01 -23.61
N ARG B 72 -16.72 2.32 -23.69
CA ARG B 72 -16.47 3.13 -24.87
C ARG B 72 -15.73 4.38 -24.51
N PHE B 73 -14.80 4.79 -25.37
CA PHE B 73 -14.05 6.03 -25.17
C PHE B 73 -14.36 7.17 -26.18
N GLN B 74 -13.98 8.37 -25.80
CA GLN B 74 -14.05 9.49 -26.71
C GLN B 74 -13.17 10.64 -26.19
N GLN B 75 -12.80 11.54 -27.10
CA GLN B 75 -12.13 12.76 -26.70
C GLN B 75 -13.13 13.76 -26.13
N GLY B 76 -12.68 14.60 -25.21
CA GLY B 76 -13.50 15.68 -24.66
C GLY B 76 -12.86 16.17 -23.38
N THR B 77 -13.42 17.22 -22.79
CA THR B 77 -12.83 17.81 -21.57
C THR B 77 -13.81 17.80 -20.38
N ALA B 78 -13.28 17.67 -19.16
CA ALA B 78 -14.12 17.63 -17.97
C ALA B 78 -14.83 18.97 -17.82
N GLU B 79 -14.13 20.03 -18.21
CA GLU B 79 -14.67 21.36 -18.22
C GLU B 79 -15.99 21.50 -19.02
N SER B 80 -16.24 20.54 -19.92
CA SER B 80 -17.34 20.64 -20.86
C SER B 80 -17.84 19.29 -21.40
N LEU B 81 -18.47 18.52 -20.55
CA LEU B 81 -18.99 17.22 -20.94
C LEU B 81 -20.22 17.35 -21.86
N PRO B 82 -20.29 16.53 -22.93
CA PRO B 82 -21.45 16.56 -23.82
C PRO B 82 -22.69 15.85 -23.26
N PHE B 83 -22.53 15.07 -22.22
CA PHE B 83 -23.61 14.20 -21.79
C PHE B 83 -24.68 15.08 -21.15
N PRO B 84 -25.96 14.65 -21.22
CA PRO B 84 -27.09 15.44 -20.69
C PRO B 84 -27.10 15.58 -19.18
N ASP B 85 -28.00 16.42 -18.69
CA ASP B 85 -28.23 16.56 -17.26
C ASP B 85 -28.61 15.21 -16.64
N ASP B 86 -28.31 15.04 -15.36
CA ASP B 86 -28.86 13.91 -14.63
C ASP B 86 -28.81 12.55 -15.39
N SER B 87 -27.66 12.18 -15.99
CA SER B 87 -27.59 10.96 -16.83
C SER B 87 -26.56 9.91 -16.44
N PHE B 88 -26.01 9.98 -15.24
CA PHE B 88 -25.04 8.99 -14.80
C PHE B 88 -25.21 8.66 -13.32
N ASP B 89 -25.07 7.38 -13.01
CA ASP B 89 -25.14 6.91 -11.64
C ASP B 89 -23.80 7.06 -10.95
N ILE B 90 -22.72 7.08 -11.72
CA ILE B 90 -21.38 7.06 -11.14
C ILE B 90 -20.41 7.80 -12.01
N ILE B 91 -19.66 8.73 -11.45
CA ILE B 91 -18.56 9.36 -12.17
C ILE B 91 -17.27 9.04 -11.47
N THR B 92 -16.35 8.43 -12.18
CA THR B 92 -15.06 8.19 -11.60
C THR B 92 -14.16 9.29 -12.11
N CYS B 93 -13.07 9.51 -11.41
CA CYS B 93 -12.02 10.42 -11.83
C CYS B 93 -10.75 10.14 -11.02
N ARG B 94 -9.68 9.70 -11.67
CA ARG B 94 -8.55 9.15 -10.91
C ARG B 94 -7.16 9.63 -11.29
N TYR B 95 -6.54 10.41 -10.41
CA TYR B 95 -5.23 10.98 -10.73
C TYR B 95 -5.31 11.77 -12.04
N ALA B 96 -6.41 12.50 -12.17
CA ALA B 96 -6.72 13.23 -13.38
C ALA B 96 -7.13 14.68 -13.12
N ALA B 97 -7.74 14.96 -11.97
CA ALA B 97 -8.13 16.31 -11.60
C ALA B 97 -6.96 17.31 -11.62
N HIS B 98 -5.76 16.85 -11.25
CA HIS B 98 -4.63 17.76 -11.09
C HIS B 98 -4.05 18.22 -12.41
N HIS B 99 -4.59 17.68 -13.50
CA HIS B 99 -4.31 18.12 -14.84
C HIS B 99 -5.42 18.95 -15.43
N PHE B 100 -6.56 19.09 -14.76
CA PHE B 100 -7.62 19.88 -15.37
C PHE B 100 -7.31 21.35 -15.35
N SER B 101 -7.70 22.04 -16.39
CA SER B 101 -7.45 23.46 -16.43
C SER B 101 -8.38 24.22 -15.48
N ASP B 102 -9.63 23.82 -15.33
CA ASP B 102 -10.57 24.56 -14.48
C ASP B 102 -11.31 23.58 -13.60
N VAL B 103 -10.61 23.07 -12.58
CA VAL B 103 -11.14 22.02 -11.71
C VAL B 103 -12.53 22.43 -11.29
N ARG B 104 -12.67 23.71 -10.99
CA ARG B 104 -13.94 24.27 -10.55
C ARG B 104 -15.11 23.94 -11.47
N LYS B 105 -14.96 24.19 -12.76
CA LYS B 105 -16.05 23.89 -13.66
C LYS B 105 -16.23 22.41 -13.84
N ALA B 106 -15.11 21.66 -13.85
CA ALA B 106 -15.15 20.19 -13.96
C ALA B 106 -16.15 19.69 -12.94
N VAL B 107 -16.10 20.28 -11.74
CA VAL B 107 -17.00 19.93 -10.67
C VAL B 107 -18.44 20.42 -10.90
N ARG B 108 -18.62 21.53 -11.60
CA ARG B 108 -19.96 22.04 -11.89
C ARG B 108 -20.62 21.04 -12.84
N GLU B 109 -19.81 20.55 -13.77
CA GLU B 109 -20.23 19.64 -14.84
C GLU B 109 -20.50 18.24 -14.31
N VAL B 110 -19.59 17.78 -13.46
CA VAL B 110 -19.75 16.48 -12.86
C VAL B 110 -21.09 16.52 -12.13
N ALA B 111 -21.27 17.54 -11.30
CA ALA B 111 -22.50 17.68 -10.56
C ALA B 111 -23.69 17.76 -11.53
N ARG B 112 -23.49 18.43 -12.68
CA ARG B 112 -24.55 18.54 -13.68
C ARG B 112 -25.02 17.22 -14.26
N VAL B 113 -24.08 16.43 -14.77
CA VAL B 113 -24.43 15.21 -15.49
C VAL B 113 -24.79 14.03 -14.56
N LEU B 114 -24.29 14.07 -13.32
CA LEU B 114 -24.73 13.15 -12.28
C LEU B 114 -26.28 13.09 -12.08
N LYS B 115 -26.83 11.87 -12.06
CA LYS B 115 -28.20 11.59 -11.61
C LYS B 115 -28.35 12.07 -10.16
N GLN B 116 -29.57 12.35 -9.71
CA GLN B 116 -29.76 12.57 -8.28
C GLN B 116 -29.21 11.43 -7.47
N ASP B 117 -28.61 11.75 -6.33
CA ASP B 117 -27.98 10.78 -5.42
C ASP B 117 -26.99 9.83 -6.07
N GLY B 118 -26.56 10.13 -7.28
CA GLY B 118 -25.47 9.40 -7.87
C GLY B 118 -24.21 9.77 -7.13
N ARG B 119 -23.21 8.93 -7.23
CA ARG B 119 -21.98 9.14 -6.52
C ARG B 119 -20.93 9.65 -7.49
N PHE B 120 -20.04 10.51 -7.00
CA PHE B 120 -18.86 10.93 -7.76
C PHE B 120 -17.72 10.31 -7.00
N LEU B 121 -16.88 9.52 -7.65
CA LEU B 121 -15.79 8.90 -6.93
C LEU B 121 -14.51 9.51 -7.45
N LEU B 122 -13.74 10.14 -6.57
CA LEU B 122 -12.57 10.94 -6.96
C LEU B 122 -11.36 10.51 -6.20
N VAL B 123 -10.36 10.06 -6.95
CA VAL B 123 -9.11 9.70 -6.37
C VAL B 123 -8.04 10.57 -7.03
N ASP B 124 -7.28 11.24 -6.17
CA ASP B 124 -6.13 12.00 -6.62
C ASP B 124 -5.22 12.28 -5.42
N HIS B 125 -4.02 12.82 -5.66
CA HIS B 125 -3.14 13.17 -4.56
C HIS B 125 -3.39 14.63 -4.36
N TYR B 126 -3.38 15.09 -3.11
CA TYR B 126 -3.85 16.44 -2.79
C TYR B 126 -2.81 17.26 -2.08
N ALA B 127 -2.96 18.58 -2.14
CA ALA B 127 -2.03 19.49 -1.47
C ALA B 127 -2.32 19.60 0.03
N PRO B 128 -1.28 19.59 0.86
CA PRO B 128 -1.51 19.85 2.28
C PRO B 128 -2.13 21.22 2.52
N GLU B 129 -2.77 21.42 3.66
CA GLU B 129 -3.39 22.71 3.99
C GLU B 129 -2.38 23.82 4.20
N ASP B 130 -1.19 23.50 4.73
CA ASP B 130 -0.16 24.54 4.87
C ASP B 130 0.28 25.00 3.48
N PRO B 131 0.08 26.29 3.14
CA PRO B 131 0.48 26.81 1.82
C PRO B 131 1.90 26.51 1.40
N VAL B 132 2.82 26.37 2.31
CA VAL B 132 4.20 26.14 1.85
C VAL B 132 4.36 24.72 1.38
N LEU B 133 3.83 23.77 2.14
CA LEU B 133 3.90 22.36 1.77
C LEU B 133 3.03 22.14 0.56
N ASP B 134 1.99 22.94 0.41
CA ASP B 134 1.12 22.89 -0.77
C ASP B 134 1.88 23.34 -2.01
N GLU B 135 2.60 24.46 -1.89
CA GLU B 135 3.47 24.95 -2.96
C GLU B 135 4.50 23.93 -3.22
N PHE B 136 5.00 23.33 -2.15
CA PHE B 136 6.18 22.49 -2.25
C PHE B 136 5.96 21.28 -3.13
N VAL B 137 4.78 20.64 -3.02
CA VAL B 137 4.45 19.43 -3.76
C VAL B 137 4.00 19.75 -5.17
N ASN B 138 3.20 20.81 -5.31
CA ASN B 138 2.71 21.20 -6.64
C ASN B 138 3.85 21.55 -7.55
N HIS B 139 4.99 21.91 -6.98
CA HIS B 139 6.14 22.27 -7.74
C HIS B 139 6.98 21.02 -8.04
N LEU B 140 7.10 20.14 -7.06
CA LEU B 140 7.80 18.87 -7.22
C LEU B 140 7.26 18.22 -8.48
N ASN B 141 5.93 18.17 -8.59
CA ASN B 141 5.26 17.53 -9.71
C ASN B 141 5.25 18.31 -11.02
N ARG B 142 5.07 19.63 -10.96
CA ARG B 142 5.13 20.45 -12.18
C ARG B 142 6.54 20.37 -12.76
N LEU B 143 7.53 20.22 -11.91
CA LEU B 143 8.88 19.99 -12.41
C LEU B 143 8.91 18.67 -13.16
N ARG B 144 8.38 17.63 -12.56
CA ARG B 144 8.46 16.29 -13.14
C ARG B 144 7.69 16.18 -14.44
N ASP B 145 6.48 16.75 -14.45
CA ASP B 145 5.51 16.63 -15.54
C ASP B 145 4.98 18.03 -15.84
N PRO B 146 5.47 18.64 -16.90
CA PRO B 146 5.05 19.98 -17.29
C PRO B 146 3.54 20.19 -17.54
N SER B 147 2.78 19.13 -17.82
CA SER B 147 1.32 19.21 -17.97
C SER B 147 0.56 19.16 -16.63
N HIS B 148 1.28 19.09 -15.52
CA HIS B 148 0.64 19.12 -14.19
C HIS B 148 0.16 20.53 -13.92
N VAL B 149 -1.13 20.76 -13.72
CA VAL B 149 -1.55 22.13 -13.46
C VAL B 149 -1.60 22.33 -11.97
N ARG B 150 -2.55 21.72 -11.26
CA ARG B 150 -2.61 21.93 -9.79
C ARG B 150 -3.27 20.81 -9.03
N GLU B 151 -2.70 20.42 -7.90
CA GLU B 151 -3.34 19.43 -7.04
C GLU B 151 -3.94 20.17 -5.87
N SER B 152 -5.27 20.20 -5.85
CA SER B 152 -6.04 21.04 -4.95
C SER B 152 -6.05 20.47 -3.53
N SER B 153 -6.32 21.32 -2.54
CA SER B 153 -6.31 20.96 -1.13
C SER B 153 -7.67 20.46 -0.64
N LEU B 154 -7.66 19.76 0.49
CA LEU B 154 -8.86 19.06 0.91
C LEU B 154 -9.92 20.12 1.23
N SER B 155 -9.51 21.19 1.90
CA SER B 155 -10.42 22.30 2.15
C SER B 155 -10.98 22.84 0.84
N GLU B 156 -10.18 22.87 -0.21
CA GLU B 156 -10.69 23.27 -1.52
C GLU B 156 -11.75 22.31 -2.08
N TRP B 157 -11.49 21.01 -2.04
CA TRP B 157 -12.46 20.03 -2.52
C TRP B 157 -13.78 20.21 -1.84
N GLN B 158 -13.79 20.33 -0.52
CA GLN B 158 -15.05 20.56 0.20
C GLN B 158 -15.76 21.82 -0.21
N ALA B 159 -15.02 22.90 -0.35
CA ALA B 159 -15.60 24.12 -0.84
C ALA B 159 -16.41 23.87 -2.12
N PHE B 161 -17.40 21.07 -3.58
CA PHE B 161 -18.50 20.15 -3.49
C PHE B 161 -19.67 20.94 -2.97
N SER B 162 -19.45 21.66 -1.88
CA SER B 162 -20.52 22.43 -1.27
C SER B 162 -21.09 23.44 -2.26
N ALA B 163 -20.24 24.00 -3.11
CA ALA B 163 -20.66 24.93 -4.15
C ALA B 163 -21.46 24.26 -5.26
N ASN B 164 -21.60 22.95 -5.19
CA ASN B 164 -22.25 22.17 -6.24
C ASN B 164 -23.22 21.10 -5.69
N GLN B 165 -23.69 21.31 -4.46
CA GLN B 165 -24.76 20.51 -3.85
C GLN B 165 -24.42 19.02 -3.74
N LEU B 166 -23.11 18.77 -3.62
CA LEU B 166 -22.58 17.43 -3.46
C LEU B 166 -22.09 17.26 -2.02
N ALA B 167 -22.72 16.37 -1.29
CA ALA B 167 -22.23 16.02 0.03
C ALA B 167 -20.81 15.45 -0.05
N TYR B 168 -19.93 15.83 0.87
CA TYR B 168 -18.52 15.41 0.84
C TYR B 168 -18.27 14.32 1.83
N GLN B 169 -17.36 13.42 1.48
CA GLN B 169 -17.01 12.31 2.31
C GLN B 169 -15.61 11.86 2.01
N ASP B 170 -14.77 11.87 3.04
CA ASP B 170 -13.45 11.34 2.95
C ASP B 170 -13.49 9.83 3.25
N ILE B 171 -13.47 9.02 2.19
CA ILE B 171 -13.55 7.56 2.33
C ILE B 171 -12.23 6.96 2.87
N GLN B 172 -11.10 7.59 2.57
CA GLN B 172 -9.84 7.08 3.05
C GLN B 172 -8.64 7.86 2.56
N LYS B 173 -7.85 8.38 3.50
CA LYS B 173 -6.58 9.00 3.13
C LYS B 173 -5.48 7.96 3.20
N TRP B 174 -4.42 8.19 2.42
CA TRP B 174 -3.20 7.42 2.54
C TRP B 174 -1.97 8.11 1.93
N ASN B 175 -0.83 7.55 2.24
CA ASN B 175 0.41 7.99 1.66
C ASN B 175 0.74 7.13 0.44
N LEU B 176 0.74 7.78 -0.71
CA LEU B 176 1.20 7.16 -1.94
C LEU B 176 2.75 7.23 -1.91
N PRO B 177 3.41 6.06 -1.95
CA PRO B 177 4.86 5.92 -2.01
C PRO B 177 5.41 6.21 -3.39
N ILE B 178 6.52 6.92 -3.51
CA ILE B 178 7.18 7.00 -4.83
C ILE B 178 8.61 6.45 -4.81
N GLN B 179 8.91 5.68 -5.85
CA GLN B 179 10.25 5.20 -6.07
C GLN B 179 10.95 6.13 -7.03
N TYR B 180 11.80 7.00 -6.48
CA TYR B 180 12.33 8.10 -7.25
C TYR B 180 12.70 7.69 -8.67
N ASP B 181 13.64 6.75 -8.80
CA ASP B 181 14.19 6.40 -10.10
C ASP B 181 13.09 6.01 -11.04
N SER B 182 12.12 5.27 -10.53
CA SER B 182 11.05 4.81 -11.36
C SER B 182 10.19 5.97 -11.83
N TRP B 183 9.78 6.82 -10.90
CA TRP B 183 9.03 8.05 -11.18
C TRP B 183 9.60 8.88 -12.32
N ILE B 184 10.90 9.17 -12.25
CA ILE B 184 11.56 9.98 -13.27
C ILE B 184 11.44 9.33 -14.64
N LYS B 185 11.79 8.04 -14.73
CA LYS B 185 11.81 7.32 -16.01
C LYS B 185 10.42 7.34 -16.63
N ARG B 186 9.47 6.72 -15.95
CA ARG B 186 8.06 6.82 -16.31
C ARG B 186 7.73 8.26 -16.76
N GLY B 187 8.09 9.28 -16.00
CA GLY B 187 7.76 10.66 -16.36
C GLY B 187 8.40 11.29 -17.63
N GLY B 188 9.50 10.73 -18.11
CA GLY B 188 10.21 11.31 -19.25
C GLY B 188 10.94 12.60 -18.92
N THR B 189 11.10 12.86 -17.62
CA THR B 189 11.70 14.09 -17.15
C THR B 189 13.14 14.23 -17.70
N PRO B 190 13.42 15.31 -18.45
CA PRO B 190 14.81 15.53 -18.93
C PRO B 190 15.80 15.95 -17.82
N ALA B 191 17.11 15.90 -18.12
CA ALA B 191 18.16 16.12 -17.10
C ALA B 191 17.98 17.41 -16.31
N ASP B 192 17.72 18.51 -17.01
CA ASP B 192 17.63 19.82 -16.36
C ASP B 192 16.55 19.89 -15.29
N ARG B 193 15.36 19.42 -15.61
CA ARG B 193 14.22 19.40 -14.66
C ARG B 193 14.52 18.47 -13.48
N GLU B 194 15.10 17.33 -13.79
CA GLU B 194 15.48 16.40 -12.75
C GLU B 194 16.47 17.05 -11.79
N LYS B 195 17.46 17.78 -12.33
CA LYS B 195 18.47 18.37 -11.48
C LYS B 195 17.86 19.38 -10.53
N GLN B 196 16.80 20.05 -10.96
CA GLN B 196 16.08 20.96 -10.07
C GLN B 196 15.13 20.20 -9.12
N ILE B 197 14.51 19.12 -9.62
CA ILE B 197 13.83 18.14 -8.76
C ILE B 197 14.75 17.78 -7.60
N ILE B 198 15.97 17.34 -7.90
CA ILE B 198 16.91 16.94 -6.85
C ILE B 198 17.11 18.08 -5.85
N THR B 199 17.49 19.26 -6.34
CA THR B 199 17.71 20.41 -5.46
C THR B 199 16.50 20.72 -4.65
N HIS B 200 15.35 20.61 -5.29
CA HIS B 200 14.08 20.74 -4.61
C HIS B 200 14.02 19.87 -3.35
N LEU B 201 14.01 18.55 -3.57
CA LEU B 201 13.95 17.53 -2.50
C LEU B 201 15.06 17.77 -1.45
N ASN B 202 16.28 17.92 -1.95
CA ASN B 202 17.48 18.07 -1.14
C ASN B 202 17.48 19.28 -0.31
N HIS B 203 16.77 20.31 -0.72
CA HIS B 203 16.68 21.48 0.08
C HIS B 203 15.36 21.60 0.80
N ALA B 204 14.62 20.49 0.90
CA ALA B 204 13.30 20.53 1.52
C ALA B 204 13.39 21.18 2.89
N SER B 205 12.33 21.90 3.24
CA SER B 205 12.14 22.35 4.59
C SER B 205 12.05 21.10 5.44
N ASP B 206 12.01 21.32 6.74
CA ASP B 206 11.85 20.19 7.64
C ASP B 206 10.43 19.66 7.65
N GLU B 207 9.42 20.52 7.66
CA GLU B 207 8.05 20.04 7.58
C GLU B 207 7.89 19.26 6.26
N ALA B 208 8.47 19.78 5.18
CA ALA B 208 8.39 19.13 3.88
C ALA B 208 8.96 17.74 3.96
N ARG B 209 10.13 17.62 4.55
CA ARG B 209 10.77 16.32 4.63
C ARG B 209 9.92 15.30 5.39
N ASP B 210 9.27 15.80 6.43
CA ASP B 210 8.44 14.99 7.28
C ASP B 210 7.21 14.63 6.47
N THR B 211 6.40 15.62 6.12
CA THR B 211 5.13 15.37 5.48
C THR B 211 5.30 14.54 4.24
N PHE B 212 6.37 14.70 3.50
CA PHE B 212 6.54 13.94 2.24
C PHE B 212 7.49 12.70 2.29
N CYS B 213 7.91 12.31 3.48
CA CYS B 213 8.66 11.07 3.65
C CYS B 213 9.88 11.03 2.80
N ILE B 214 10.55 12.17 2.71
CA ILE B 214 11.71 12.26 1.86
C ILE B 214 12.87 11.41 2.36
N THR B 215 13.45 10.65 1.42
CA THR B 215 14.59 9.80 1.66
C THR B 215 15.61 9.98 0.53
N LEU B 216 16.85 10.23 0.91
CA LEU B 216 17.95 10.53 -0.02
C LEU B 216 19.22 9.82 0.45
N ASN B 217 20.16 9.55 -0.45
CA ASN B 217 21.49 9.05 -0.05
C ASN B 217 22.26 10.13 0.68
N GLN B 218 23.42 9.73 1.20
CA GLN B 218 24.40 10.66 1.77
C GLN B 218 24.98 11.57 0.68
N ASN B 219 24.90 11.16 -0.59
CA ASN B 219 25.28 12.07 -1.69
C ASN B 219 24.15 13.00 -2.20
N GLY B 220 23.07 13.11 -1.44
CA GLY B 220 21.98 13.99 -1.83
C GLY B 220 21.07 13.43 -2.91
N GLN B 221 21.47 12.37 -3.60
CA GLN B 221 20.61 11.75 -4.61
C GLN B 221 19.32 11.12 -4.00
N PRO B 222 18.13 11.56 -4.47
CA PRO B 222 16.86 11.13 -3.86
C PRO B 222 16.57 9.66 -4.07
N ILE B 223 15.87 9.04 -3.12
CA ILE B 223 15.42 7.65 -3.23
C ILE B 223 13.91 7.50 -3.30
N SER B 224 13.24 8.12 -2.35
CA SER B 224 11.80 7.96 -2.20
C SER B 224 11.13 9.13 -1.48
N PHE B 225 9.86 9.36 -1.78
CA PHE B 225 9.04 10.31 -1.06
C PHE B 225 7.55 9.91 -1.12
N CYS B 226 6.66 10.78 -0.63
CA CYS B 226 5.23 10.47 -0.55
C CYS B 226 4.28 11.49 -1.07
N LEU B 227 3.42 11.12 -2.00
CA LEU B 227 2.26 11.96 -2.33
C LEU B 227 1.17 11.69 -1.30
N LYS B 228 0.32 12.67 -1.06
CA LYS B 228 -0.81 12.49 -0.16
C LYS B 228 -2.04 12.11 -0.99
N ALA B 229 -2.53 10.89 -0.81
CA ALA B 229 -3.69 10.41 -1.56
C ALA B 229 -4.94 10.30 -0.67
N ILE B 230 -6.09 10.20 -1.32
CA ILE B 230 -7.40 10.17 -0.70
C ILE B 230 -8.35 9.66 -1.73
N LEU B 231 -9.33 8.88 -1.31
CA LEU B 231 -10.54 8.70 -2.11
C LEU B 231 -11.59 9.56 -1.46
N ILE B 232 -12.20 10.43 -2.27
CA ILE B 232 -13.33 11.28 -1.85
C ILE B 232 -14.58 10.83 -2.58
N GLN B 233 -15.67 10.66 -1.83
CA GLN B 233 -16.99 10.48 -2.42
C GLN B 233 -17.84 11.71 -2.23
N GLY B 234 -18.50 12.08 -3.31
CA GLY B 234 -19.54 13.09 -3.30
C GLY B 234 -20.85 12.48 -3.70
N ILE B 235 -21.93 12.99 -3.14
CA ILE B 235 -23.25 12.48 -3.43
C ILE B 235 -24.11 13.67 -3.75
N LYS B 236 -24.70 13.70 -4.95
CA LYS B 236 -25.51 14.83 -5.38
C LYS B 236 -26.80 14.93 -4.61
N ARG B 237 -27.01 16.04 -3.92
CA ARG B 237 -28.32 16.30 -3.30
C ARG B 237 -29.00 17.51 -3.98
N GLU B 238 -29.67 18.39 -3.22
CA GLU B 238 -29.99 19.74 -3.75
C GLU B 238 -29.51 20.79 -2.78
N GLY B 239 -30.05 21.99 -2.91
CA GLY B 239 -29.98 23.00 -1.87
C GLY B 239 -31.36 23.59 -1.67
#